data_4Y24
#
_entry.id   4Y24
#
_cell.length_a   43.578
_cell.length_b   58.242
_cell.length_c   110.976
_cell.angle_alpha   90.000
_cell.angle_beta   90.000
_cell.angle_gamma   90.000
#
_symmetry.space_group_name_H-M   'P 21 21 21'
#
loop_
_entity.id
_entity.type
_entity.pdbx_description
1 polymer Galectin-1
2 non-polymer '3-deoxy-3-[4-(3-fluorophenyl)-1H-1,2,3-triazol-1-yl]-beta-D-galactopyranosyl 3-deoxy-3-[4-(3-fluorophenyl)-1H-1,2,3-triazol-1-yl]-1-thio-beta-D-galactopyranoside'
3 water water
#
_entity_poly.entity_id   1
_entity_poly.type   'polypeptide(L)'
_entity_poly.pdbx_seq_one_letter_code
;MGSSHHHHHHSSGLVPRGSHMCGLVASNLNLKPGECLRVRGEVAPDAKSFVLNLGKDSNNLCLHFNPRFNAHGDANTIVC
NSKDGGAWGTEQREAVFPFQPGSVAEVCITFDQANLTVKLPDGYEFKFPNRLNLEAINYMAADGDFKIKCVAFD
;
_entity_poly.pdbx_strand_id   A,B
#
# COMPACT_ATOMS: atom_id res chain seq x y z
N CYS A 22 -0.05 -10.17 10.91
CA CYS A 22 -1.12 -9.19 10.87
C CYS A 22 -0.58 -7.80 10.54
N GLY A 23 0.43 -7.73 9.67
CA GLY A 23 0.99 -6.47 9.25
C GLY A 23 0.24 -5.90 8.05
N LEU A 24 0.88 -4.99 7.34
CA LEU A 24 0.26 -4.33 6.20
C LEU A 24 -0.09 -5.31 5.08
N VAL A 25 -1.27 -5.14 4.51
CA VAL A 25 -1.70 -5.96 3.38
C VAL A 25 -2.18 -5.09 2.23
N ALA A 26 -1.63 -5.32 1.04
CA ALA A 26 -2.03 -4.58 -0.15
C ALA A 26 -2.55 -5.51 -1.23
N SER A 27 -3.74 -5.19 -1.76
CA SER A 27 -4.33 -6.00 -2.81
C SER A 27 -4.59 -5.17 -4.07
N ASN A 28 -4.89 -5.85 -5.18
CA ASN A 28 -5.11 -5.21 -6.48
C ASN A 28 -3.93 -4.35 -6.91
N LEU A 29 -2.72 -4.85 -6.69
CA LEU A 29 -1.51 -4.12 -7.07
C LEU A 29 -1.39 -4.02 -8.58
N ASN A 30 -1.74 -5.11 -9.26
CA ASN A 30 -1.63 -5.21 -10.71
C ASN A 30 -0.21 -4.91 -11.19
N LEU A 31 0.77 -5.51 -10.54
CA LEU A 31 2.17 -5.31 -10.91
C LEU A 31 2.55 -6.19 -12.10
N LYS A 32 2.64 -5.57 -13.27
CA LYS A 32 3.02 -6.29 -14.49
C LYS A 32 4.52 -6.63 -14.47
N PRO A 33 4.92 -7.65 -15.25
CA PRO A 33 6.34 -7.97 -15.39
C PRO A 33 7.16 -6.78 -15.86
N GLY A 34 8.32 -6.57 -15.26
CA GLY A 34 9.17 -5.45 -15.61
C GLY A 34 8.98 -4.27 -14.66
N GLU A 35 7.75 -4.10 -14.17
CA GLU A 35 7.45 -3.03 -13.23
C GLU A 35 8.11 -3.30 -11.88
N CYS A 36 8.49 -2.23 -11.19
CA CYS A 36 9.24 -2.37 -9.95
C CYS A 36 8.39 -2.07 -8.71
N LEU A 37 8.49 -2.96 -7.73
CA LEU A 37 7.82 -2.75 -6.45
C LEU A 37 8.84 -2.41 -5.37
N ARG A 38 8.86 -1.15 -4.96
CA ARG A 38 9.81 -0.69 -3.95
C ARG A 38 9.16 -0.63 -2.57
N VAL A 39 9.75 -1.33 -1.61
CA VAL A 39 9.22 -1.38 -0.26
C VAL A 39 10.29 -0.99 0.77
N ARG A 40 10.00 0.05 1.54
CA ARG A 40 10.90 0.48 2.60
C ARG A 40 10.23 0.34 3.96
N GLY A 41 10.97 -0.18 4.93
CA GLY A 41 10.46 -0.34 6.28
C GLY A 41 11.59 -0.36 7.28
N GLU A 42 11.25 -0.18 8.56
CA GLU A 42 12.26 -0.18 9.60
C GLU A 42 12.26 -1.50 10.37
N VAL A 43 13.43 -2.13 10.44
CA VAL A 43 13.58 -3.39 11.15
C VAL A 43 13.77 -3.15 12.64
N ALA A 44 12.94 -3.82 13.45
CA ALA A 44 12.99 -3.67 14.91
C ALA A 44 14.38 -4.03 15.45
N PRO A 45 14.79 -3.37 16.56
CA PRO A 45 16.09 -3.65 17.18
C PRO A 45 16.19 -5.08 17.70
N ASP A 46 15.08 -5.62 18.18
CA ASP A 46 15.06 -6.99 18.70
C ASP A 46 14.39 -7.94 17.71
N ALA A 47 14.47 -7.59 16.43
CA ALA A 47 13.82 -8.37 15.38
C ALA A 47 14.33 -9.81 15.32
N LYS A 48 13.40 -10.75 15.24
CA LYS A 48 13.74 -12.15 15.09
C LYS A 48 13.65 -12.54 13.62
N SER A 49 12.64 -12.01 12.94
CA SER A 49 12.42 -12.23 11.51
C SER A 49 11.30 -11.35 10.99
N PHE A 50 11.21 -11.22 9.67
CA PHE A 50 10.06 -10.58 9.05
C PHE A 50 9.80 -11.17 7.67
N VAL A 51 8.66 -10.80 7.08
CA VAL A 51 8.19 -11.45 5.86
C VAL A 51 7.60 -10.46 4.85
N LEU A 52 7.97 -10.65 3.58
CA LEU A 52 7.27 -10.02 2.48
C LEU A 52 6.64 -11.09 1.59
N ASN A 53 5.32 -11.10 1.54
CA ASN A 53 4.59 -12.07 0.72
C ASN A 53 4.04 -11.46 -0.55
N LEU A 54 4.44 -12.01 -1.69
CA LEU A 54 3.97 -11.53 -2.99
C LEU A 54 3.26 -12.65 -3.76
N GLY A 55 2.14 -12.31 -4.37
CA GLY A 55 1.39 -13.28 -5.16
C GLY A 55 0.00 -12.81 -5.54
N LYS A 56 -0.94 -13.73 -5.56
CA LYS A 56 -2.34 -13.42 -5.90
C LYS A 56 -3.17 -13.24 -4.63
N ASP A 57 -2.94 -14.12 -3.66
CA ASP A 57 -3.58 -14.00 -2.35
C ASP A 57 -2.74 -14.74 -1.31
N SER A 58 -3.26 -14.86 -0.09
CA SER A 58 -2.52 -15.50 0.99
C SER A 58 -2.20 -16.96 0.72
N ASN A 59 -2.96 -17.60 -0.16
CA ASN A 59 -2.77 -19.00 -0.49
C ASN A 59 -1.93 -19.21 -1.73
N ASN A 60 -1.67 -18.13 -2.46
CA ASN A 60 -0.91 -18.21 -3.70
C ASN A 60 0.19 -17.16 -3.76
N LEU A 61 1.38 -17.55 -3.30
CA LEU A 61 2.51 -16.63 -3.22
C LEU A 61 3.62 -17.05 -4.18
N CYS A 62 3.95 -16.18 -5.13
CA CYS A 62 5.05 -16.48 -6.05
C CYS A 62 6.38 -16.14 -5.40
N LEU A 63 6.33 -15.43 -4.26
CA LEU A 63 7.52 -15.19 -3.46
C LEU A 63 7.20 -14.96 -1.99
N HIS A 64 7.71 -15.84 -1.15
CA HIS A 64 7.66 -15.68 0.30
C HIS A 64 9.05 -15.29 0.79
N PHE A 65 9.26 -13.99 0.99
CA PHE A 65 10.57 -13.46 1.35
C PHE A 65 10.72 -13.31 2.86
N ASN A 66 11.54 -14.17 3.46
CA ASN A 66 11.60 -14.25 4.92
C ASN A 66 13.02 -14.21 5.48
N PRO A 67 13.56 -12.99 5.67
CA PRO A 67 14.83 -12.84 6.38
C PRO A 67 14.70 -13.28 7.84
N ARG A 68 15.57 -14.20 8.26
CA ARG A 68 15.56 -14.70 9.63
C ARG A 68 16.86 -14.33 10.34
N PHE A 69 16.77 -13.39 11.28
CA PHE A 69 17.88 -12.92 12.08
C PHE A 69 18.16 -13.95 13.12
N ASN A 70 17.07 -14.45 13.68
CA ASN A 70 17.13 -15.50 14.67
C ASN A 70 15.86 -16.33 14.73
N ALA A 71 15.62 -17.25 13.82
CA ALA A 71 14.32 -17.85 13.93
C ALA A 71 14.22 -19.21 13.32
N HIS A 72 13.34 -20.02 13.91
CA HIS A 72 13.16 -21.40 13.53
C HIS A 72 14.49 -22.15 13.55
N GLY A 73 15.38 -21.73 14.45
CA GLY A 73 16.70 -22.32 14.55
C GLY A 73 17.73 -21.68 13.64
N ASP A 74 17.25 -20.96 12.64
CA ASP A 74 18.14 -20.32 11.66
C ASP A 74 18.54 -18.93 12.12
N ALA A 75 19.68 -18.45 11.61
CA ALA A 75 20.18 -17.15 12.01
C ALA A 75 20.91 -16.45 10.87
N ASN A 76 20.59 -15.18 10.67
CA ASN A 76 21.15 -14.36 9.60
C ASN A 76 21.07 -15.08 8.26
N THR A 77 19.90 -15.62 7.97
CA THR A 77 19.68 -16.36 6.74
C THR A 77 18.39 -15.89 6.08
N ILE A 78 18.47 -15.63 4.78
CA ILE A 78 17.29 -15.27 4.01
C ILE A 78 16.61 -16.53 3.49
N VAL A 79 15.37 -16.75 3.93
CA VAL A 79 14.60 -17.91 3.50
C VAL A 79 13.55 -17.49 2.48
N CYS A 80 13.66 -18.05 1.27
CA CYS A 80 12.67 -17.81 0.24
C CYS A 80 11.92 -19.09 -0.09
N ASN A 81 10.63 -18.94 -0.36
CA ASN A 81 9.80 -20.08 -0.76
C ASN A 81 8.59 -19.58 -1.54
N SER A 82 7.81 -20.52 -2.05
CA SER A 82 6.58 -20.19 -2.75
C SER A 82 5.41 -20.90 -2.08
N LYS A 83 4.21 -20.41 -2.32
CA LYS A 83 3.00 -21.10 -1.86
C LYS A 83 2.02 -21.20 -3.01
N ASP A 84 1.67 -22.43 -3.37
CA ASP A 84 0.76 -22.67 -4.49
C ASP A 84 -0.45 -23.47 -4.04
N GLY A 85 -1.59 -22.80 -3.94
CA GLY A 85 -2.81 -23.45 -3.49
C GLY A 85 -2.72 -23.89 -2.05
N GLY A 86 -2.10 -23.06 -1.21
CA GLY A 86 -1.97 -23.34 0.20
C GLY A 86 -0.77 -24.18 0.57
N ALA A 87 -0.10 -24.73 -0.44
CA ALA A 87 1.03 -25.63 -0.20
C ALA A 87 2.37 -24.95 -0.40
N TRP A 88 3.23 -25.02 0.62
CA TRP A 88 4.60 -24.51 0.53
C TRP A 88 5.40 -25.30 -0.50
N GLY A 89 6.14 -24.59 -1.34
CA GLY A 89 7.00 -25.24 -2.32
C GLY A 89 8.32 -25.65 -1.70
N THR A 90 9.35 -25.78 -2.54
CA THR A 90 10.68 -26.12 -2.05
C THR A 90 11.39 -24.88 -1.51
N GLU A 91 11.72 -24.91 -0.21
CA GLU A 91 12.36 -23.77 0.44
C GLU A 91 13.79 -23.59 -0.06
N GLN A 92 14.21 -22.33 -0.18
CA GLN A 92 15.56 -22.00 -0.63
C GLN A 92 16.17 -20.87 0.21
N ARG A 93 17.50 -20.90 0.34
CA ARG A 93 18.18 -19.94 1.21
C ARG A 93 19.36 -19.26 0.53
N GLU A 94 19.59 -18.00 0.91
CA GLU A 94 20.76 -17.24 0.47
C GLU A 94 21.79 -17.18 1.60
N ALA A 95 23.06 -17.41 1.26
CA ALA A 95 24.13 -17.37 2.24
C ALA A 95 24.37 -15.96 2.75
N VAL A 96 24.04 -14.98 1.92
CA VAL A 96 24.25 -13.58 2.25
C VAL A 96 23.08 -13.00 3.04
N PHE A 97 23.39 -12.10 3.98
CA PHE A 97 22.36 -11.50 4.83
C PHE A 97 22.66 -10.03 5.12
N PRO A 98 22.18 -9.13 4.23
CA PRO A 98 22.45 -7.70 4.32
C PRO A 98 21.41 -6.93 5.14
N PHE A 99 20.98 -7.49 6.27
CA PHE A 99 19.98 -6.83 7.10
C PHE A 99 20.48 -6.62 8.53
N GLN A 100 20.22 -5.44 9.07
CA GLN A 100 20.65 -5.11 10.42
C GLN A 100 19.43 -4.78 11.30
N PRO A 101 19.36 -5.41 12.48
CA PRO A 101 18.31 -5.09 13.45
C PRO A 101 18.43 -3.65 13.94
N GLY A 102 17.31 -2.94 13.98
CA GLY A 102 17.32 -1.55 14.43
C GLY A 102 17.71 -0.58 13.33
N SER A 103 17.49 -0.98 12.09
CA SER A 103 17.84 -0.14 10.95
C SER A 103 16.78 -0.21 9.85
N VAL A 104 16.81 0.77 8.95
CA VAL A 104 15.85 0.84 7.85
C VAL A 104 16.31 -0.01 6.67
N ALA A 105 15.41 -0.85 6.15
CA ALA A 105 15.73 -1.70 5.02
C ALA A 105 14.79 -1.45 3.85
N GLU A 106 15.34 -1.44 2.64
CA GLU A 106 14.55 -1.27 1.43
C GLU A 106 14.76 -2.44 0.48
N VAL A 107 13.65 -2.96 -0.07
CA VAL A 107 13.72 -4.08 -1.00
C VAL A 107 12.99 -3.74 -2.30
N CYS A 108 13.67 -3.93 -3.42
CA CYS A 108 13.08 -3.69 -4.72
C CYS A 108 12.83 -5.01 -5.44
N ILE A 109 11.62 -5.21 -5.94
CA ILE A 109 11.24 -6.50 -6.51
C ILE A 109 10.59 -6.36 -7.89
N THR A 110 11.11 -7.13 -8.84
CA THR A 110 10.50 -7.28 -10.16
C THR A 110 10.41 -8.76 -10.51
N PHE A 111 9.83 -9.07 -11.66
CA PHE A 111 9.75 -10.46 -12.10
C PHE A 111 9.48 -10.59 -13.60
N ASP A 112 10.02 -11.65 -14.18
CA ASP A 112 9.62 -12.09 -15.52
C ASP A 112 8.95 -13.45 -15.39
N GLN A 113 8.72 -14.12 -16.51
CA GLN A 113 8.05 -15.41 -16.47
C GLN A 113 8.98 -16.54 -16.02
N ALA A 114 10.25 -16.21 -15.80
CA ALA A 114 11.24 -17.21 -15.40
C ALA A 114 11.63 -17.04 -13.93
N ASN A 115 12.01 -15.82 -13.54
CA ASN A 115 12.45 -15.57 -12.18
C ASN A 115 11.88 -14.29 -11.59
N LEU A 116 11.88 -14.22 -10.26
CA LEU A 116 11.68 -12.96 -9.56
C LEU A 116 13.04 -12.39 -9.19
N THR A 117 13.24 -11.10 -9.42
CA THR A 117 14.50 -10.45 -9.08
C THR A 117 14.34 -9.57 -7.85
N VAL A 118 15.13 -9.85 -6.82
CA VAL A 118 15.06 -9.12 -5.57
C VAL A 118 16.34 -8.34 -5.31
N LYS A 119 16.22 -7.03 -5.15
CA LYS A 119 17.39 -6.19 -4.89
C LYS A 119 17.44 -5.76 -3.42
N LEU A 120 18.40 -6.33 -2.69
CA LEU A 120 18.60 -6.06 -1.28
C LEU A 120 19.59 -4.91 -1.11
N PRO A 121 19.58 -4.24 0.05
CA PRO A 121 20.46 -3.10 0.33
C PRO A 121 21.96 -3.38 0.21
N ASP A 122 22.63 -2.92 -0.85
CA ASP A 122 22.01 -2.20 -1.96
C ASP A 122 22.76 -2.58 -3.25
N GLY A 123 23.72 -3.48 -3.11
CA GLY A 123 24.40 -4.06 -4.27
C GLY A 123 23.91 -5.48 -4.52
N TYR A 124 23.09 -5.96 -3.61
CA TYR A 124 22.70 -7.37 -3.58
C TYR A 124 21.51 -7.68 -4.49
N GLU A 125 21.64 -8.74 -5.26
CA GLU A 125 20.59 -9.16 -6.18
C GLU A 125 20.60 -10.67 -6.37
N PHE A 126 19.47 -11.31 -6.09
CA PHE A 126 19.36 -12.75 -6.28
C PHE A 126 18.06 -13.11 -7.01
N LYS A 127 18.10 -14.17 -7.78
CA LYS A 127 16.95 -14.62 -8.55
C LYS A 127 16.19 -15.72 -7.80
N PHE A 128 14.87 -15.64 -7.82
CA PHE A 128 14.03 -16.72 -7.32
C PHE A 128 13.07 -17.15 -8.42
N PRO A 129 12.99 -18.47 -8.68
CA PRO A 129 12.22 -19.00 -9.81
C PRO A 129 10.72 -18.71 -9.68
N ASN A 130 10.13 -18.20 -10.75
CA ASN A 130 8.69 -18.00 -10.80
C ASN A 130 7.98 -19.34 -10.94
N ARG A 131 7.35 -19.80 -9.87
CA ARG A 131 6.76 -21.13 -9.87
C ARG A 131 5.23 -21.08 -9.95
N LEU A 132 4.67 -19.88 -9.94
CA LEU A 132 3.22 -19.73 -10.00
C LEU A 132 2.77 -19.19 -11.36
N ASN A 133 3.72 -18.70 -12.16
CA ASN A 133 3.47 -18.32 -13.54
C ASN A 133 2.51 -17.12 -13.69
N LEU A 134 2.08 -16.56 -12.57
CA LEU A 134 1.03 -15.53 -12.53
C LEU A 134 1.26 -14.38 -13.52
N GLU A 135 0.16 -13.82 -14.01
CA GLU A 135 0.20 -12.70 -14.94
C GLU A 135 0.77 -11.45 -14.30
N ALA A 136 0.41 -11.22 -13.05
CA ALA A 136 0.85 -10.03 -12.33
C ALA A 136 0.88 -10.29 -10.83
N ILE A 137 1.54 -9.42 -10.10
CA ILE A 137 1.50 -9.44 -8.65
C ILE A 137 0.38 -8.51 -8.18
N ASN A 138 -0.69 -9.09 -7.64
CA ASN A 138 -1.82 -8.31 -7.17
C ASN A 138 -1.91 -8.25 -5.66
N TYR A 139 -1.01 -8.97 -4.98
CA TYR A 139 -1.09 -9.12 -3.54
C TYR A 139 0.27 -8.98 -2.86
N MET A 140 0.35 -8.08 -1.89
CA MET A 140 1.52 -7.97 -1.03
C MET A 140 1.10 -7.92 0.42
N ALA A 141 1.74 -8.75 1.24
CA ALA A 141 1.50 -8.74 2.67
C ALA A 141 2.82 -8.72 3.43
N ALA A 142 2.96 -7.77 4.33
CA ALA A 142 4.13 -7.71 5.19
C ALA A 142 3.79 -8.25 6.57
N ASP A 143 4.76 -8.87 7.22
CA ASP A 143 4.55 -9.39 8.56
C ASP A 143 5.88 -9.52 9.31
N GLY A 144 5.79 -9.84 10.60
CA GLY A 144 6.98 -9.95 11.42
C GLY A 144 7.46 -8.61 11.92
N ASP A 145 8.70 -8.56 12.36
CA ASP A 145 9.27 -7.36 12.95
C ASP A 145 9.71 -6.36 11.87
N PHE A 146 8.73 -5.82 11.15
CA PHE A 146 9.01 -4.95 10.02
C PHE A 146 7.87 -3.97 9.77
N LYS A 147 8.04 -2.74 10.24
CA LYS A 147 7.00 -1.73 10.06
C LYS A 147 7.22 -0.96 8.76
N ILE A 148 6.31 -1.16 7.81
CA ILE A 148 6.39 -0.50 6.51
C ILE A 148 6.26 1.01 6.64
N LYS A 149 7.15 1.74 5.96
CA LYS A 149 7.10 3.20 5.97
C LYS A 149 6.83 3.75 4.57
N CYS A 150 7.11 2.97 3.54
CA CYS A 150 6.99 3.45 2.17
C CYS A 150 6.84 2.31 1.17
N VAL A 151 5.85 2.45 0.28
CA VAL A 151 5.66 1.51 -0.81
C VAL A 151 5.50 2.26 -2.12
N ALA A 152 6.32 1.92 -3.11
CA ALA A 152 6.29 2.62 -4.39
C ALA A 152 6.07 1.66 -5.56
N PHE A 153 5.29 2.10 -6.54
CA PHE A 153 5.03 1.30 -7.74
C PHE A 153 5.52 2.04 -8.97
N ASP A 154 6.37 1.38 -9.75
CA ASP A 154 6.91 1.98 -10.97
C ASP A 154 6.70 1.06 -12.17
N CYS B 22 -11.97 -1.52 -8.42
CA CYS B 22 -11.04 -2.54 -7.95
C CYS B 22 -9.60 -2.05 -8.02
N GLY B 23 -9.39 -0.80 -7.66
CA GLY B 23 -8.05 -0.23 -7.63
C GLY B 23 -7.29 -0.68 -6.39
N LEU B 24 -6.16 -0.03 -6.12
CA LEU B 24 -5.32 -0.39 -4.99
C LEU B 24 -6.06 -0.35 -3.67
N VAL B 25 -5.96 -1.44 -2.91
CA VAL B 25 -6.57 -1.52 -1.58
C VAL B 25 -5.51 -1.86 -0.54
N ALA B 26 -5.48 -1.10 0.54
CA ALA B 26 -4.54 -1.35 1.63
C ALA B 26 -5.28 -1.53 2.95
N SER B 27 -5.01 -2.62 3.64
CA SER B 27 -5.63 -2.90 4.93
C SER B 27 -4.58 -3.04 6.03
N ASN B 28 -5.04 -3.01 7.28
CA ASN B 28 -4.19 -3.08 8.47
C ASN B 28 -3.18 -1.95 8.54
N LEU B 29 -3.60 -0.74 8.17
CA LEU B 29 -2.72 0.43 8.18
C LEU B 29 -2.41 0.89 9.60
N ASN B 30 -3.40 0.77 10.48
CA ASN B 30 -3.27 1.20 11.88
C ASN B 30 -2.78 2.64 12.00
N LEU B 31 -3.37 3.52 11.20
CA LEU B 31 -3.02 4.94 11.23
C LEU B 31 -3.76 5.65 12.34
N LYS B 32 -3.06 5.95 13.44
CA LYS B 32 -3.67 6.59 14.60
C LYS B 32 -3.71 8.10 14.44
N PRO B 33 -4.54 8.79 15.26
CA PRO B 33 -4.64 10.25 15.20
C PRO B 33 -3.29 10.96 15.28
N GLY B 34 -3.10 11.95 14.41
CA GLY B 34 -1.85 12.69 14.35
C GLY B 34 -0.96 12.20 13.24
N GLU B 35 -0.94 10.89 13.02
CA GLU B 35 -0.10 10.28 11.99
C GLU B 35 -0.56 10.71 10.60
N CYS B 36 0.39 10.79 9.68
CA CYS B 36 0.10 11.29 8.34
C CYS B 36 0.19 10.20 7.28
N LEU B 37 -0.85 10.10 6.45
CA LEU B 37 -0.84 9.20 5.32
C LEU B 37 -0.58 9.98 4.03
N ARG B 38 0.54 9.70 3.39
CA ARG B 38 0.90 10.37 2.16
C ARG B 38 0.69 9.48 0.96
N VAL B 39 -0.01 10.00 -0.04
CA VAL B 39 -0.30 9.25 -1.25
C VAL B 39 0.03 10.06 -2.49
N ARG B 40 0.84 9.48 -3.37
CA ARG B 40 1.17 10.12 -4.64
C ARG B 40 0.73 9.22 -5.79
N GLY B 41 0.06 9.79 -6.78
CA GLY B 41 -0.42 9.04 -7.92
C GLY B 41 -0.63 9.93 -9.13
N GLU B 42 -0.82 9.31 -10.29
CA GLU B 42 -1.02 10.06 -11.52
C GLU B 42 -2.47 10.03 -11.97
N VAL B 43 -2.99 11.20 -12.30
CA VAL B 43 -4.37 11.32 -12.78
C VAL B 43 -4.42 11.08 -14.28
N ALA B 44 -5.39 10.30 -14.73
CA ALA B 44 -5.54 9.98 -16.15
C ALA B 44 -5.83 11.24 -16.97
N PRO B 45 -5.44 11.24 -18.25
CA PRO B 45 -5.72 12.38 -19.13
C PRO B 45 -7.22 12.53 -19.43
N ASP B 46 -7.93 11.42 -19.48
CA ASP B 46 -9.37 11.43 -19.72
C ASP B 46 -10.14 11.30 -18.41
N ALA B 47 -9.62 11.94 -17.37
CA ALA B 47 -10.15 11.78 -16.02
C ALA B 47 -11.57 12.31 -15.87
N LYS B 48 -12.48 11.44 -15.43
CA LYS B 48 -13.81 11.84 -15.01
C LYS B 48 -13.80 12.21 -13.55
N SER B 49 -13.32 11.28 -12.73
CA SER B 49 -13.24 11.46 -11.29
C SER B 49 -12.39 10.34 -10.72
N PHE B 50 -11.92 10.52 -9.49
CA PHE B 50 -11.25 9.44 -8.80
C PHE B 50 -11.61 9.46 -7.32
N VAL B 51 -11.31 8.36 -6.63
CA VAL B 51 -11.76 8.20 -5.26
C VAL B 51 -10.67 7.67 -4.33
N LEU B 52 -10.49 8.36 -3.20
CA LEU B 52 -9.68 7.83 -2.11
C LEU B 52 -10.58 7.53 -0.93
N ASN B 53 -10.65 6.25 -0.55
CA ASN B 53 -11.48 5.83 0.57
C ASN B 53 -10.66 5.49 1.80
N LEU B 54 -11.07 6.01 2.95
CA LEU B 54 -10.38 5.78 4.21
C LEU B 54 -11.35 5.44 5.33
N GLY B 55 -11.02 4.41 6.11
CA GLY B 55 -11.83 4.03 7.24
C GLY B 55 -11.39 2.74 7.88
N LYS B 56 -12.35 1.95 8.35
CA LYS B 56 -12.08 0.66 8.96
C LYS B 56 -12.08 -0.43 7.90
N ASP B 57 -13.08 -0.39 7.04
CA ASP B 57 -13.18 -1.29 5.89
C ASP B 57 -14.03 -0.65 4.79
N SER B 58 -14.40 -1.43 3.80
CA SER B 58 -15.12 -0.91 2.64
C SER B 58 -16.52 -0.38 2.98
N ASN B 59 -17.06 -0.81 4.13
CA ASN B 59 -18.39 -0.37 4.55
C ASN B 59 -18.35 0.69 5.64
N ASN B 60 -17.17 0.94 6.19
CA ASN B 60 -17.03 1.94 7.24
C ASN B 60 -15.93 2.94 6.88
N LEU B 61 -16.30 3.93 6.08
CA LEU B 61 -15.35 4.93 5.61
C LEU B 61 -15.56 6.25 6.35
N CYS B 62 -14.53 6.71 7.04
CA CYS B 62 -14.61 8.00 7.71
C CYS B 62 -14.32 9.12 6.71
N LEU B 63 -13.79 8.75 5.54
CA LEU B 63 -13.58 9.71 4.46
C LEU B 63 -13.70 9.08 3.08
N HIS B 64 -14.67 9.57 2.32
CA HIS B 64 -14.79 9.26 0.91
C HIS B 64 -14.39 10.49 0.11
N PHE B 65 -13.14 10.54 -0.32
CA PHE B 65 -12.61 11.69 -1.04
C PHE B 65 -12.75 11.50 -2.55
N ASN B 66 -13.61 12.29 -3.17
CA ASN B 66 -13.94 12.08 -4.58
C ASN B 66 -13.97 13.37 -5.40
N PRO B 67 -12.79 13.79 -5.91
CA PRO B 67 -12.70 14.91 -6.85
C PRO B 67 -13.35 14.56 -8.19
N ARG B 68 -14.31 15.37 -8.63
CA ARG B 68 -15.01 15.09 -9.87
C ARG B 68 -14.71 16.14 -10.93
N PHE B 69 -13.96 15.76 -11.96
CA PHE B 69 -13.69 16.63 -13.09
C PHE B 69 -14.98 16.80 -13.91
N ASN B 70 -15.56 15.67 -14.30
CA ASN B 70 -16.93 15.63 -14.75
C ASN B 70 -17.47 14.24 -14.45
N ALA B 71 -18.31 14.15 -13.42
CA ALA B 71 -18.97 12.90 -13.08
C ALA B 71 -20.26 13.18 -12.31
N HIS B 72 -21.34 12.53 -12.74
CA HIS B 72 -22.64 12.65 -12.09
C HIS B 72 -23.15 14.09 -12.07
N GLY B 73 -22.79 14.87 -13.09
CA GLY B 73 -23.27 16.23 -13.21
C GLY B 73 -22.35 17.29 -12.64
N ASP B 74 -21.41 16.87 -11.81
CA ASP B 74 -20.47 17.80 -11.19
C ASP B 74 -19.30 18.10 -12.12
N ALA B 75 -18.87 19.36 -12.13
CA ALA B 75 -17.75 19.78 -12.96
C ALA B 75 -16.70 20.50 -12.11
N ASN B 76 -15.50 19.92 -12.04
CA ASN B 76 -14.42 20.47 -11.23
C ASN B 76 -14.87 20.73 -9.79
N THR B 77 -15.32 19.67 -9.13
CA THR B 77 -15.84 19.77 -7.78
C THR B 77 -15.40 18.58 -6.94
N ILE B 78 -14.89 18.85 -5.74
CA ILE B 78 -14.53 17.78 -4.82
C ILE B 78 -15.75 17.39 -3.99
N VAL B 79 -16.10 16.11 -4.02
CA VAL B 79 -17.23 15.61 -3.24
C VAL B 79 -16.72 14.70 -2.13
N CYS B 80 -17.01 15.07 -0.89
CA CYS B 80 -16.63 14.25 0.26
C CYS B 80 -17.87 13.68 0.93
N ASN B 81 -17.72 12.51 1.52
CA ASN B 81 -18.80 11.86 2.22
C ASN B 81 -18.27 10.79 3.18
N SER B 82 -19.17 10.20 3.96
CA SER B 82 -18.81 9.11 4.84
C SER B 82 -19.73 7.92 4.57
N LYS B 83 -19.29 6.73 4.99
CA LYS B 83 -20.13 5.55 4.94
C LYS B 83 -20.07 4.83 6.28
N ASP B 84 -21.24 4.62 6.89
CA ASP B 84 -21.31 4.03 8.21
C ASP B 84 -22.22 2.81 8.19
N GLY B 85 -21.62 1.64 8.35
CA GLY B 85 -22.37 0.40 8.31
C GLY B 85 -23.01 0.18 6.94
N GLY B 86 -22.30 0.59 5.90
CA GLY B 86 -22.76 0.42 4.54
C GLY B 86 -23.65 1.55 4.05
N ALA B 87 -24.00 2.46 4.95
CA ALA B 87 -24.89 3.57 4.61
C ALA B 87 -24.13 4.87 4.39
N TRP B 88 -24.28 5.44 3.19
CA TRP B 88 -23.67 6.73 2.87
C TRP B 88 -24.21 7.83 3.78
N GLY B 89 -23.34 8.78 4.11
CA GLY B 89 -23.75 9.94 4.87
C GLY B 89 -24.20 11.07 3.96
N THR B 90 -24.14 12.30 4.46
CA THR B 90 -24.50 13.46 3.66
C THR B 90 -23.29 14.01 2.92
N GLU B 91 -23.45 14.27 1.63
CA GLU B 91 -22.36 14.79 0.81
C GLU B 91 -21.96 16.21 1.21
N GLN B 92 -20.66 16.46 1.23
CA GLN B 92 -20.12 17.80 1.45
C GLN B 92 -19.30 18.19 0.22
N ARG B 93 -19.49 19.42 -0.25
CA ARG B 93 -18.85 19.87 -1.48
C ARG B 93 -17.94 21.08 -1.28
N GLU B 94 -16.81 21.07 -1.98
CA GLU B 94 -15.86 22.16 -1.92
C GLU B 94 -15.80 22.90 -3.25
N ALA B 95 -15.76 24.22 -3.20
CA ALA B 95 -15.70 25.04 -4.40
C ALA B 95 -14.32 24.95 -5.06
N VAL B 96 -13.29 24.91 -4.22
CA VAL B 96 -11.91 24.84 -4.69
C VAL B 96 -11.58 23.47 -5.28
N PHE B 97 -11.04 23.46 -6.50
CA PHE B 97 -10.67 22.22 -7.17
C PHE B 97 -9.24 22.26 -7.70
N PRO B 98 -8.28 21.89 -6.84
CA PRO B 98 -6.84 21.95 -7.16
C PRO B 98 -6.31 20.69 -7.84
N PHE B 99 -7.10 20.09 -8.73
CA PHE B 99 -6.66 18.90 -9.44
C PHE B 99 -6.78 19.07 -10.95
N GLN B 100 -5.74 18.64 -11.66
CA GLN B 100 -5.75 18.72 -13.12
C GLN B 100 -5.57 17.33 -13.72
N PRO B 101 -6.42 16.99 -14.69
CA PRO B 101 -6.35 15.68 -15.36
C PRO B 101 -5.07 15.53 -16.17
N GLY B 102 -4.49 14.33 -16.16
CA GLY B 102 -3.24 14.09 -16.87
C GLY B 102 -2.04 14.65 -16.12
N SER B 103 -2.11 14.60 -14.79
CA SER B 103 -1.02 15.10 -13.97
C SER B 103 -0.89 14.29 -12.67
N VAL B 104 0.21 14.51 -11.97
CA VAL B 104 0.47 13.81 -10.71
C VAL B 104 -0.14 14.57 -9.53
N ALA B 105 -0.94 13.88 -8.73
CA ALA B 105 -1.58 14.49 -7.58
C ALA B 105 -1.08 13.86 -6.27
N GLU B 106 -0.73 14.71 -5.32
CA GLU B 106 -0.25 14.24 -4.03
C GLU B 106 -1.12 14.77 -2.89
N VAL B 107 -1.52 13.88 -1.99
CA VAL B 107 -2.31 14.28 -0.83
C VAL B 107 -1.69 13.77 0.47
N CYS B 108 -1.79 14.57 1.52
CA CYS B 108 -1.38 14.18 2.86
C CYS B 108 -2.61 14.14 3.73
N ILE B 109 -2.86 13.00 4.36
CA ILE B 109 -4.10 12.82 5.11
C ILE B 109 -3.85 12.44 6.57
N THR B 110 -4.53 13.15 7.47
CA THR B 110 -4.49 12.84 8.89
C THR B 110 -5.87 13.11 9.49
N PHE B 111 -6.03 12.84 10.77
CA PHE B 111 -7.31 13.08 11.43
C PHE B 111 -7.18 13.24 12.94
N ASP B 112 -8.16 13.91 13.53
CA ASP B 112 -8.27 13.96 14.98
C ASP B 112 -9.70 13.59 15.37
N GLN B 113 -10.08 13.86 16.62
CA GLN B 113 -11.40 13.51 17.10
C GLN B 113 -12.49 14.33 16.42
N ALA B 114 -12.12 15.46 15.85
CA ALA B 114 -13.08 16.39 15.27
C ALA B 114 -13.18 16.25 13.75
N ASN B 115 -12.03 16.30 13.07
CA ASN B 115 -12.02 16.35 11.61
C ASN B 115 -10.98 15.45 10.96
N LEU B 116 -11.23 15.13 9.69
CA LEU B 116 -10.19 14.59 8.83
C LEU B 116 -9.63 15.74 8.00
N THR B 117 -8.32 15.75 7.81
CA THR B 117 -7.67 16.82 7.09
C THR B 117 -6.90 16.30 5.89
N VAL B 118 -7.29 16.75 4.69
CA VAL B 118 -6.54 16.41 3.48
C VAL B 118 -5.75 17.63 3.02
N LYS B 119 -4.43 17.54 3.13
CA LYS B 119 -3.55 18.63 2.73
C LYS B 119 -2.89 18.36 1.39
N LEU B 120 -2.85 19.39 0.54
CA LEU B 120 -2.07 19.32 -0.68
C LEU B 120 -0.81 20.15 -0.50
N PRO B 121 0.32 19.69 -1.09
CA PRO B 121 1.63 20.31 -0.93
C PRO B 121 1.65 21.82 -1.16
N ASP B 122 0.97 22.28 -2.20
CA ASP B 122 1.04 23.70 -2.58
C ASP B 122 0.21 24.61 -1.68
N GLY B 123 -0.43 24.04 -0.65
CA GLY B 123 -1.08 24.85 0.36
C GLY B 123 -2.56 24.59 0.60
N TYR B 124 -3.19 23.86 -0.31
CA TYR B 124 -4.62 23.56 -0.17
C TYR B 124 -4.87 22.58 0.97
N GLU B 125 -5.90 22.86 1.76
CA GLU B 125 -6.24 22.05 2.92
C GLU B 125 -7.74 21.93 3.08
N PHE B 126 -8.25 20.70 3.05
CA PHE B 126 -9.68 20.45 3.16
C PHE B 126 -10.03 19.75 4.46
N LYS B 127 -11.09 20.22 5.11
CA LYS B 127 -11.56 19.62 6.35
C LYS B 127 -12.86 18.84 6.12
N PHE B 128 -12.94 17.66 6.70
CA PHE B 128 -14.17 16.88 6.68
C PHE B 128 -14.42 16.31 8.08
N PRO B 129 -15.60 16.58 8.64
CA PRO B 129 -15.94 16.19 10.01
C PRO B 129 -15.80 14.71 10.27
N ASN B 130 -15.19 14.35 11.40
CA ASN B 130 -15.03 12.95 11.78
C ASN B 130 -16.36 12.39 12.30
N ARG B 131 -17.05 11.66 11.43
CA ARG B 131 -18.41 11.22 11.72
C ARG B 131 -18.46 9.79 12.24
N LEU B 132 -17.34 9.07 12.16
CA LEU B 132 -17.31 7.68 12.59
C LEU B 132 -16.57 7.51 13.92
N ASN B 133 -15.69 8.45 14.23
CA ASN B 133 -14.93 8.44 15.49
C ASN B 133 -14.18 7.13 15.71
N LEU B 134 -13.59 6.60 14.65
CA LEU B 134 -12.83 5.37 14.73
C LEU B 134 -11.48 5.60 15.40
N GLU B 135 -10.95 4.56 16.04
CA GLU B 135 -9.69 4.65 16.76
C GLU B 135 -8.53 4.94 15.81
N ALA B 136 -8.62 4.39 14.61
CA ALA B 136 -7.57 4.57 13.62
C ALA B 136 -8.07 4.32 12.20
N ILE B 137 -7.27 4.71 11.22
CA ILE B 137 -7.53 4.37 9.84
C ILE B 137 -6.78 3.10 9.47
N ASN B 138 -7.52 2.01 9.27
CA ASN B 138 -6.91 0.73 8.93
C ASN B 138 -7.09 0.38 7.46
N TYR B 139 -7.85 1.19 6.74
CA TYR B 139 -8.25 0.85 5.39
C TYR B 139 -8.08 2.02 4.41
N MET B 140 -7.36 1.76 3.32
CA MET B 140 -7.27 2.72 2.23
C MET B 140 -7.55 2.04 0.89
N ALA B 141 -8.42 2.64 0.10
CA ALA B 141 -8.73 2.13 -1.22
C ALA B 141 -8.76 3.26 -2.24
N ALA B 142 -8.11 3.04 -3.37
CA ALA B 142 -8.14 3.98 -4.48
C ALA B 142 -8.96 3.43 -5.62
N ASP B 143 -9.62 4.31 -6.36
CA ASP B 143 -10.40 3.90 -7.51
C ASP B 143 -10.59 5.05 -8.49
N GLY B 144 -11.09 4.75 -9.67
CA GLY B 144 -11.30 5.77 -10.69
C GLY B 144 -10.06 6.00 -11.54
N ASP B 145 -9.97 7.20 -12.10
CA ASP B 145 -8.88 7.54 -13.00
C ASP B 145 -7.65 8.01 -12.24
N PHE B 146 -7.21 7.21 -11.29
CA PHE B 146 -6.09 7.56 -10.42
C PHE B 146 -5.22 6.34 -10.13
N LYS B 147 -4.02 6.31 -10.70
CA LYS B 147 -3.10 5.21 -10.45
C LYS B 147 -2.04 5.60 -9.44
N ILE B 148 -2.10 4.98 -8.26
CA ILE B 148 -1.19 5.27 -7.17
C ILE B 148 0.24 4.83 -7.50
N LYS B 149 1.20 5.72 -7.26
CA LYS B 149 2.60 5.43 -7.54
C LYS B 149 3.42 5.27 -6.26
N CYS B 150 2.93 5.86 -5.17
CA CYS B 150 3.67 5.85 -3.91
C CYS B 150 2.77 6.10 -2.70
N VAL B 151 3.00 5.34 -1.63
CA VAL B 151 2.26 5.50 -0.38
C VAL B 151 3.23 5.46 0.81
N ALA B 152 3.16 6.48 1.67
CA ALA B 152 4.04 6.56 2.82
C ALA B 152 3.25 6.73 4.12
N PHE B 153 3.79 6.17 5.20
CA PHE B 153 3.14 6.24 6.51
C PHE B 153 4.03 6.97 7.51
N ASP B 154 3.52 8.05 8.08
CA ASP B 154 4.29 8.86 9.01
C ASP B 154 3.53 9.07 10.32
#